data_6A7E
#
_entry.id   6A7E
#
_cell.length_a   84.755
_cell.length_b   84.755
_cell.length_c   77.726
_cell.angle_alpha   90.000
_cell.angle_beta   90.000
_cell.angle_gamma   120.000
#
_symmetry.space_group_name_H-M   'H 3'
#
loop_
_entity.id
_entity.type
_entity.pdbx_description
1 polymer 'Dihydrofolate reductase'
2 non-polymer 5-(4-{3-[(2,4-diamino-6-ethylpyrimidin-5-yl)oxy]propoxy}phenyl)-6-ethylpyrimidine-2,4-diamine
3 non-polymer 'NADPH DIHYDRO-NICOTINAMIDE-ADENINE-DINUCLEOTIDE PHOSPHATE'
4 water water
#
_entity_poly.entity_id   1
_entity_poly.type   'polypeptide(L)'
_entity_poly.pdbx_seq_one_letter_code
;VGSLNCIVAVSQNMGIGKNGDLPWPPLRNEFRYFQRMTTTSSVEGKQNLVIMGKKTWFSIPEKNRPLKGRINLVLSRELK
EPPQGAHFLSRSLDDALKLTEQPELANKVDMVWIVGGSSVYKEAMNHPGHLKLFVTRIMQDFESDTFFPEIDLEKYKLLP
EYPGVLSDVQEEKGIKYKFEVYEKND
;
_entity_poly.pdbx_strand_id   A
#
loop_
_chem_comp.id
_chem_comp.type
_chem_comp.name
_chem_comp.formula
9QR non-polymer 5-(4-{3-[(2,4-diamino-6-ethylpyrimidin-5-yl)oxy]propoxy}phenyl)-6-ethylpyrimidine-2,4-diamine 'C21 H28 N8 O2'
NDP non-polymer 'NADPH DIHYDRO-NICOTINAMIDE-ADENINE-DINUCLEOTIDE PHOSPHATE' 'C21 H30 N7 O17 P3'
#
# COMPACT_ATOMS: atom_id res chain seq x y z
N VAL A 1 1.80 9.50 15.73
CA VAL A 1 1.58 8.70 14.48
C VAL A 1 0.25 9.09 13.84
N GLY A 2 0.28 9.33 12.53
CA GLY A 2 -0.90 9.82 11.81
C GLY A 2 -1.79 8.70 11.25
N SER A 3 -2.29 8.91 10.04
CA SER A 3 -3.31 8.02 9.49
C SER A 3 -2.77 6.64 9.08
N LEU A 4 -3.66 5.65 9.10
CA LEU A 4 -3.43 4.33 8.52
C LEU A 4 -4.16 4.23 7.19
N ASN A 5 -3.46 3.77 6.16
CA ASN A 5 -3.97 3.69 4.79
C ASN A 5 -3.47 2.43 4.11
N CYS A 6 -4.25 1.92 3.16
CA CYS A 6 -3.82 0.89 2.21
C CYS A 6 -3.70 1.55 0.84
N ILE A 7 -2.76 1.07 0.03
CA ILE A 7 -2.67 1.51 -1.35
C ILE A 7 -2.44 0.30 -2.22
N VAL A 8 -3.15 0.24 -3.36
CA VAL A 8 -3.15 -0.91 -4.25
C VAL A 8 -3.48 -0.46 -5.65
N ALA A 9 -2.99 -1.23 -6.63
CA ALA A 9 -3.51 -1.19 -7.99
C ALA A 9 -4.13 -2.52 -8.34
N VAL A 10 -5.31 -2.50 -8.92
CA VAL A 10 -6.07 -3.72 -9.07
C VAL A 10 -6.78 -3.78 -10.42
N SER A 11 -6.78 -4.97 -11.04
CA SER A 11 -7.50 -5.19 -12.31
C SER A 11 -9.01 -5.34 -12.08
N GLN A 12 -9.78 -5.34 -13.18
CA GLN A 12 -11.23 -5.52 -13.10
C GLN A 12 -11.62 -6.83 -12.42
N ASN A 13 -10.83 -7.88 -12.62
CA ASN A 13 -11.07 -9.17 -12.00
C ASN A 13 -10.39 -9.31 -10.62
N MET A 14 -10.05 -8.17 -10.02
CA MET A 14 -9.52 -8.06 -8.65
C MET A 14 -8.09 -8.59 -8.48
N GLY A 15 -7.38 -8.73 -9.60
CA GLY A 15 -5.99 -9.16 -9.58
C GLY A 15 -5.02 -8.09 -9.17
N ILE A 16 -4.06 -8.49 -8.33
CA ILE A 16 -2.94 -7.63 -7.96
C ILE A 16 -1.58 -8.20 -8.31
N GLY A 17 -1.48 -9.52 -8.52
CA GLY A 17 -0.20 -10.15 -8.73
C GLY A 17 -0.28 -11.41 -9.57
N LYS A 18 0.84 -11.73 -10.22
CA LYS A 18 1.02 -12.97 -10.95
C LYS A 18 2.51 -13.35 -10.94
N ASN A 19 2.82 -14.55 -10.43
CA ASN A 19 4.19 -15.08 -10.49
C ASN A 19 5.19 -14.11 -9.85
N GLY A 20 4.78 -13.46 -8.76
CA GLY A 20 5.71 -12.60 -8.03
C GLY A 20 5.95 -11.25 -8.67
N ASP A 21 5.11 -10.88 -9.63
CA ASP A 21 5.15 -9.58 -10.26
C ASP A 21 3.73 -9.07 -10.48
N LEU A 22 3.60 -7.88 -11.09
CA LEU A 22 2.27 -7.33 -11.40
C LEU A 22 1.63 -8.05 -12.60
N PRO A 23 0.30 -8.12 -12.66
CA PRO A 23 -0.29 -8.85 -13.79
C PRO A 23 -0.17 -8.16 -15.16
N TRP A 24 0.12 -6.86 -15.14
CA TRP A 24 0.11 -6.00 -16.33
C TRP A 24 1.50 -5.47 -16.57
N PRO A 25 1.76 -5.01 -17.81
CA PRO A 25 3.02 -4.38 -18.09
C PRO A 25 3.28 -3.19 -17.19
N PRO A 26 4.55 -2.83 -16.99
CA PRO A 26 4.84 -1.70 -16.12
C PRO A 26 4.09 -0.44 -16.54
N LEU A 27 3.51 0.25 -15.55
CA LEU A 27 2.84 1.52 -15.79
C LEU A 27 3.62 2.58 -14.99
N ARG A 28 4.49 3.31 -15.70
CA ARG A 28 5.46 4.25 -15.12
C ARG A 28 4.80 5.33 -14.27
N ASN A 29 3.78 5.96 -14.82
CA ASN A 29 3.11 7.02 -14.08
C ASN A 29 2.29 6.53 -12.90
N GLU A 30 1.79 5.30 -12.98
CA GLU A 30 1.10 4.70 -11.82
C GLU A 30 2.10 4.49 -10.68
N PHE A 31 3.27 3.97 -11.01
CA PHE A 31 4.32 3.85 -10.02
C PHE A 31 4.73 5.23 -9.43
N ARG A 32 4.79 6.25 -10.27
CA ARG A 32 5.14 7.60 -9.79
C ARG A 32 4.09 8.11 -8.80
N TYR A 33 2.82 7.84 -9.10
CA TYR A 33 1.71 8.13 -8.17
C TYR A 33 1.89 7.40 -6.83
N PHE A 34 2.12 6.08 -6.88
CA PHE A 34 2.39 5.27 -5.66
C PHE A 34 3.51 5.87 -4.83
N GLN A 35 4.61 6.21 -5.49
CA GLN A 35 5.78 6.80 -4.83
C GLN A 35 5.40 8.14 -4.18
N ARG A 36 4.74 8.99 -4.93
CA ARG A 36 4.34 10.32 -4.47
C ARG A 36 3.41 10.25 -3.25
N MET A 37 2.36 9.43 -3.34
CA MET A 37 1.39 9.32 -2.25
C MET A 37 1.99 8.72 -0.96
N THR A 38 2.79 7.67 -1.09
CA THR A 38 3.35 7.02 0.08
C THR A 38 4.48 7.85 0.71
N THR A 39 5.24 8.58 -0.10
CA THR A 39 6.41 9.32 0.39
C THR A 39 6.04 10.66 1.06
N THR A 40 5.00 11.31 0.54
CA THR A 40 4.70 12.68 0.97
C THR A 40 4.07 12.70 2.38
N SER A 41 4.76 13.36 3.31
CA SER A 41 4.24 13.57 4.66
C SER A 41 3.69 14.98 4.79
N SER A 42 2.60 15.14 5.55
CA SER A 42 1.95 16.44 5.78
C SER A 42 2.42 17.10 7.07
N VAL A 43 3.54 16.62 7.63
CA VAL A 43 4.07 17.10 8.90
C VAL A 43 5.58 17.22 8.80
N GLU A 44 6.12 18.33 9.32
CA GLU A 44 7.54 18.62 9.22
C GLU A 44 8.39 17.78 10.14
N GLY A 45 9.56 17.38 9.63
CA GLY A 45 10.48 16.56 10.38
C GLY A 45 10.10 15.09 10.45
N LYS A 46 9.02 14.67 9.79
CA LYS A 46 8.57 13.28 9.91
C LYS A 46 8.60 12.52 8.58
N GLN A 47 8.53 11.20 8.70
CA GLN A 47 8.64 10.29 7.59
C GLN A 47 7.42 9.37 7.59
N ASN A 48 6.93 8.98 6.43
CA ASN A 48 5.92 7.91 6.37
C ASN A 48 6.59 6.52 6.48
N LEU A 49 5.84 5.55 6.99
CA LEU A 49 6.27 4.18 7.10
C LEU A 49 5.44 3.29 6.18
N VAL A 50 6.12 2.40 5.47
CA VAL A 50 5.42 1.41 4.62
C VAL A 50 5.56 0.04 5.23
N ILE A 51 4.45 -0.69 5.23
CA ILE A 51 4.35 -2.04 5.77
C ILE A 51 4.01 -2.94 4.58
N MET A 52 4.75 -4.03 4.45
CA MET A 52 4.50 -4.99 3.38
C MET A 52 4.84 -6.40 3.82
N GLY A 53 4.16 -7.36 3.22
CA GLY A 53 4.54 -8.75 3.34
C GLY A 53 5.87 -9.06 2.69
N LYS A 54 6.39 -10.23 3.05
CA LYS A 54 7.69 -10.66 2.59
C LYS A 54 7.75 -10.79 1.07
N LYS A 55 6.74 -11.43 0.49
CA LYS A 55 6.75 -11.63 -0.98
C LYS A 55 6.66 -10.29 -1.70
N THR A 56 5.92 -9.32 -1.14
CA THR A 56 5.87 -7.99 -1.73
C THR A 56 7.24 -7.33 -1.73
N TRP A 57 7.94 -7.40 -0.60
CA TRP A 57 9.30 -6.86 -0.52
C TRP A 57 10.18 -7.40 -1.65
N PHE A 58 10.21 -8.72 -1.82
CA PHE A 58 11.07 -9.34 -2.84
C PHE A 58 10.59 -9.15 -4.28
N SER A 59 9.33 -8.72 -4.45
CA SER A 59 8.78 -8.42 -5.76
C SER A 59 9.26 -7.07 -6.31
N ILE A 60 9.76 -6.22 -5.42
CA ILE A 60 10.16 -4.86 -5.77
C ILE A 60 11.55 -5.00 -6.36
N PRO A 61 11.81 -4.33 -7.51
CA PRO A 61 13.17 -4.43 -8.04
C PRO A 61 14.21 -3.86 -7.05
N GLU A 62 15.36 -4.51 -6.99
CA GLU A 62 16.44 -4.09 -6.08
C GLU A 62 16.74 -2.59 -6.19
N LYS A 63 16.65 -1.99 -7.38
CA LYS A 63 16.97 -0.57 -7.55
C LYS A 63 15.96 0.35 -6.85
N ASN A 64 14.78 -0.21 -6.54
CA ASN A 64 13.69 0.54 -5.93
C ASN A 64 13.50 0.20 -4.45
N ARG A 65 14.33 -0.70 -3.90
CA ARG A 65 14.24 -0.98 -2.48
C ARG A 65 15.55 -0.70 -1.72
N PRO A 66 15.44 -0.25 -0.45
CA PRO A 66 14.14 0.05 0.18
C PRO A 66 13.40 1.17 -0.56
N LEU A 67 12.10 1.28 -0.34
CA LEU A 67 11.35 2.38 -0.92
C LEU A 67 11.89 3.69 -0.31
N LYS A 68 12.51 4.52 -1.17
CA LYS A 68 13.30 5.67 -0.71
C LYS A 68 12.45 6.69 0.01
N GLY A 69 13.03 7.31 1.03
CA GLY A 69 12.35 8.39 1.78
C GLY A 69 11.22 7.96 2.72
N ARG A 70 11.08 6.65 2.91
CA ARG A 70 10.12 6.03 3.83
C ARG A 70 10.82 4.96 4.63
N ILE A 71 10.34 4.77 5.86
CA ILE A 71 10.77 3.67 6.72
C ILE A 71 10.11 2.40 6.18
N ASN A 72 10.91 1.36 5.93
CA ASN A 72 10.42 0.12 5.31
C ASN A 72 10.33 -1.02 6.33
N LEU A 73 9.10 -1.46 6.59
CA LEU A 73 8.82 -2.54 7.50
C LEU A 73 8.25 -3.76 6.77
N VAL A 74 8.91 -4.90 6.95
CA VAL A 74 8.47 -6.15 6.37
C VAL A 74 7.83 -7.05 7.42
N LEU A 75 6.75 -7.70 7.02
CA LEU A 75 6.07 -8.70 7.82
C LEU A 75 6.52 -10.13 7.45
N SER A 76 7.00 -10.86 8.46
CA SER A 76 7.34 -12.27 8.32
C SER A 76 7.46 -12.95 9.68
N ARG A 77 7.00 -14.20 9.73
CA ARG A 77 7.21 -15.08 10.88
C ARG A 77 8.36 -16.07 10.67
N GLU A 78 8.89 -16.18 9.44
CA GLU A 78 10.05 -17.06 9.20
C GLU A 78 11.38 -16.32 9.35
N LEU A 79 11.43 -15.06 8.91
CA LEU A 79 12.65 -14.30 8.92
C LEU A 79 13.07 -14.03 10.35
N LYS A 80 14.38 -13.96 10.56
CA LYS A 80 14.95 -13.72 11.88
C LYS A 80 15.42 -12.29 12.04
N GLU A 81 15.60 -11.58 10.93
CA GLU A 81 15.91 -10.16 10.93
C GLU A 81 15.38 -9.54 9.65
N PRO A 82 15.41 -8.21 9.58
CA PRO A 82 14.89 -7.60 8.37
C PRO A 82 15.73 -8.02 7.18
N PRO A 83 15.09 -8.21 6.03
CA PRO A 83 15.84 -8.43 4.79
C PRO A 83 16.88 -7.35 4.52
N GLN A 84 17.91 -7.72 3.77
CA GLN A 84 18.92 -6.77 3.32
C GLN A 84 18.25 -5.55 2.67
N GLY A 85 18.60 -4.36 3.13
CA GLY A 85 18.00 -3.14 2.63
C GLY A 85 16.77 -2.64 3.37
N ALA A 86 16.04 -3.53 4.05
CA ALA A 86 14.86 -3.14 4.81
C ALA A 86 15.26 -2.58 6.16
N HIS A 87 14.34 -1.88 6.78
CA HIS A 87 14.61 -1.22 8.06
C HIS A 87 14.13 -2.00 9.25
N PHE A 88 12.91 -2.53 9.17
CA PHE A 88 12.27 -3.23 10.29
C PHE A 88 11.63 -4.54 9.86
N LEU A 89 11.47 -5.43 10.84
CA LEU A 89 10.77 -6.71 10.69
C LEU A 89 9.77 -6.85 11.84
N SER A 90 8.52 -7.18 11.52
CA SER A 90 7.53 -7.53 12.55
C SER A 90 6.85 -8.83 12.16
N ARG A 91 6.32 -9.49 13.20
CA ARG A 91 5.74 -10.82 13.12
C ARG A 91 4.22 -10.84 12.97
N SER A 92 3.58 -9.67 13.08
CA SER A 92 2.14 -9.54 12.89
C SER A 92 1.83 -8.07 12.55
N LEU A 93 0.64 -7.80 12.00
CA LEU A 93 0.25 -6.42 11.75
C LEU A 93 0.10 -5.61 13.06
N ASP A 94 -0.51 -6.23 14.07
CA ASP A 94 -0.62 -5.58 15.39
C ASP A 94 0.76 -5.21 15.93
N ASP A 95 1.73 -6.11 15.78
CA ASP A 95 3.07 -5.88 16.26
C ASP A 95 3.71 -4.70 15.52
N ALA A 96 3.48 -4.63 14.20
CA ALA A 96 3.98 -3.51 13.42
C ALA A 96 3.40 -2.18 13.89
N LEU A 97 2.09 -2.16 14.15
CA LEU A 97 1.39 -0.91 14.51
C LEU A 97 1.79 -0.41 15.90
N LYS A 98 2.06 -1.35 16.80
CA LYS A 98 2.64 -1.03 18.12
C LYS A 98 4.04 -0.42 17.99
N LEU A 99 4.91 -1.05 17.20
CA LEU A 99 6.28 -0.55 16.99
C LEU A 99 6.34 0.93 16.60
N THR A 100 5.36 1.38 15.82
CA THR A 100 5.27 2.78 15.44
C THR A 100 5.04 3.68 16.65
N GLU A 101 4.41 3.13 17.70
CA GLU A 101 4.10 3.87 18.92
C GLU A 101 5.19 3.76 20.02
N GLN A 102 6.26 3.00 19.77
CA GLN A 102 7.37 2.90 20.72
C GLN A 102 8.25 4.15 20.64
N PRO A 103 9.02 4.45 21.70
CA PRO A 103 9.91 5.62 21.69
C PRO A 103 10.77 5.73 20.42
N GLU A 104 11.30 4.58 19.97
CA GLU A 104 11.97 4.45 18.66
C GLU A 104 11.39 5.36 17.56
N LEU A 105 10.12 5.12 17.22
CA LEU A 105 9.51 5.67 16.00
C LEU A 105 8.34 6.64 16.24
N ALA A 106 7.92 6.78 17.49
CA ALA A 106 6.72 7.55 17.87
C ALA A 106 6.61 8.93 17.22
N ASN A 107 7.68 9.72 17.29
CA ASN A 107 7.70 11.07 16.73
C ASN A 107 8.43 11.21 15.40
N LYS A 108 8.81 10.10 14.77
CA LYS A 108 9.42 10.15 13.43
C LYS A 108 8.44 9.74 12.34
N VAL A 109 7.39 9.03 12.72
CA VAL A 109 6.43 8.44 11.77
C VAL A 109 5.16 9.27 11.68
N ASP A 110 4.87 9.76 10.48
CA ASP A 110 3.58 10.38 10.18
C ASP A 110 2.55 9.31 9.72
N MET A 111 2.39 9.12 8.42
CA MET A 111 1.38 8.20 7.89
C MET A 111 1.92 6.77 7.84
N VAL A 112 1.04 5.79 8.02
CA VAL A 112 1.38 4.38 7.79
C VAL A 112 0.63 3.91 6.55
N TRP A 113 1.38 3.32 5.60
CA TRP A 113 0.86 2.85 4.34
C TRP A 113 1.14 1.35 4.18
N ILE A 114 0.08 0.57 4.14
CA ILE A 114 0.15 -0.86 3.84
C ILE A 114 0.17 -0.96 2.31
N VAL A 115 1.25 -1.53 1.77
CA VAL A 115 1.47 -1.53 0.34
C VAL A 115 1.38 -2.94 -0.28
N GLY A 116 0.94 -3.92 0.52
CA GLY A 116 0.56 -5.28 0.06
C GLY A 116 1.22 -6.38 0.87
N GLY A 117 0.85 -7.65 0.69
CA GLY A 117 -0.13 -8.09 -0.26
C GLY A 117 -1.45 -8.50 0.37
N SER A 118 -2.07 -9.55 -0.15
CA SER A 118 -3.47 -9.83 0.12
C SER A 118 -3.85 -9.97 1.60
N SER A 119 -3.04 -10.71 2.33
CA SER A 119 -3.35 -11.01 3.73
C SER A 119 -3.22 -9.77 4.62
N VAL A 120 -2.26 -8.90 4.31
CA VAL A 120 -2.05 -7.65 5.06
C VAL A 120 -3.24 -6.71 4.78
N TYR A 121 -3.58 -6.56 3.50
CA TYR A 121 -4.75 -5.78 3.12
C TYR A 121 -6.00 -6.30 3.84
N LYS A 122 -6.22 -7.61 3.78
CA LYS A 122 -7.45 -8.18 4.35
C LYS A 122 -7.59 -7.83 5.82
N GLU A 123 -6.52 -8.05 6.57
CA GLU A 123 -6.56 -7.85 8.02
C GLU A 123 -6.76 -6.37 8.34
N ALA A 124 -6.05 -5.50 7.66
CA ALA A 124 -6.21 -4.07 7.87
C ALA A 124 -7.64 -3.62 7.55
N MET A 125 -8.19 -4.14 6.46
CA MET A 125 -9.48 -3.67 5.94
C MET A 125 -10.68 -4.07 6.82
N ASN A 126 -10.48 -5.12 7.61
CA ASN A 126 -11.54 -5.72 8.43
C ASN A 126 -11.30 -5.43 9.92
N HIS A 127 -10.34 -4.56 10.20
CA HIS A 127 -10.02 -4.17 11.57
C HIS A 127 -10.80 -2.90 11.84
N PRO A 128 -11.51 -2.84 12.99
CA PRO A 128 -12.23 -1.57 13.26
C PRO A 128 -11.27 -0.38 13.36
N GLY A 129 -11.72 0.78 12.91
CA GLY A 129 -10.95 2.02 13.05
C GLY A 129 -11.08 2.91 11.83
N HIS A 130 -10.33 4.02 11.82
CA HIS A 130 -10.32 4.94 10.70
C HIS A 130 -9.29 4.41 9.71
N LEU A 131 -9.71 4.18 8.46
CA LEU A 131 -8.83 3.63 7.44
C LEU A 131 -9.25 4.14 6.04
N LYS A 132 -8.26 4.55 5.24
CA LYS A 132 -8.48 4.92 3.83
C LYS A 132 -7.82 3.89 2.90
N LEU A 133 -8.45 3.66 1.76
CA LEU A 133 -7.91 2.80 0.71
C LEU A 133 -7.72 3.66 -0.53
N PHE A 134 -6.48 3.68 -1.01
CA PHE A 134 -6.15 4.35 -2.23
C PHE A 134 -6.06 3.28 -3.32
N VAL A 135 -7.05 3.27 -4.19
CA VAL A 135 -7.23 2.14 -5.13
C VAL A 135 -7.10 2.63 -6.55
N THR A 136 -6.13 2.08 -7.28
CA THR A 136 -6.04 2.32 -8.72
C THR A 136 -6.77 1.20 -9.44
N ARG A 137 -7.82 1.57 -10.16
CA ARG A 137 -8.63 0.67 -10.95
C ARG A 137 -8.04 0.55 -12.35
N ILE A 138 -7.35 -0.55 -12.60
CA ILE A 138 -6.89 -0.90 -13.95
C ILE A 138 -8.11 -1.48 -14.68
N MET A 139 -8.57 -0.81 -15.73
CA MET A 139 -9.89 -1.13 -16.32
C MET A 139 -9.89 -2.21 -17.41
N GLN A 140 -9.18 -3.30 -17.15
CA GLN A 140 -9.18 -4.50 -18.00
C GLN A 140 -9.01 -5.73 -17.09
N ASP A 141 -9.32 -6.91 -17.64
CA ASP A 141 -9.00 -8.17 -16.98
C ASP A 141 -7.54 -8.55 -17.25
N PHE A 142 -6.85 -9.03 -16.21
CA PHE A 142 -5.50 -9.56 -16.34
C PHE A 142 -5.40 -10.86 -15.53
N GLU A 143 -4.84 -11.89 -16.18
CA GLU A 143 -4.62 -13.17 -15.55
C GLU A 143 -3.79 -12.92 -14.30
N SER A 144 -4.25 -13.45 -13.16
CA SER A 144 -3.62 -13.20 -11.87
C SER A 144 -3.62 -14.43 -10.99
N ASP A 145 -2.68 -14.49 -10.05
CA ASP A 145 -2.68 -15.54 -9.03
C ASP A 145 -2.82 -14.98 -7.60
N THR A 146 -2.95 -13.65 -7.48
CA THR A 146 -3.03 -12.96 -6.18
C THR A 146 -4.10 -11.86 -6.33
N PHE A 147 -5.02 -11.75 -5.36
CA PHE A 147 -6.22 -10.91 -5.48
C PHE A 147 -6.41 -9.95 -4.30
N PHE A 148 -7.06 -8.82 -4.58
CA PHE A 148 -7.38 -7.84 -3.57
C PHE A 148 -8.64 -8.29 -2.83
N PRO A 149 -8.70 -8.12 -1.50
CA PRO A 149 -9.91 -8.54 -0.81
C PRO A 149 -11.11 -7.65 -1.15
N GLU A 150 -12.30 -8.20 -0.93
CA GLU A 150 -13.55 -7.47 -1.08
C GLU A 150 -13.53 -6.16 -0.30
N ILE A 151 -13.92 -5.09 -0.97
CA ILE A 151 -14.24 -3.80 -0.34
C ILE A 151 -15.74 -3.77 -0.02
N ASP A 152 -16.06 -3.76 1.27
CA ASP A 152 -17.42 -3.64 1.74
C ASP A 152 -17.87 -2.19 1.67
N LEU A 153 -18.73 -1.90 0.67
CA LEU A 153 -19.18 -0.52 0.42
C LEU A 153 -20.22 -0.04 1.41
N GLU A 154 -20.72 -0.92 2.27
CA GLU A 154 -21.55 -0.49 3.39
C GLU A 154 -20.67 0.34 4.34
N LYS A 155 -19.40 -0.05 4.49
CA LYS A 155 -18.42 0.61 5.39
C LYS A 155 -17.53 1.62 4.68
N TYR A 156 -17.02 1.25 3.51
CA TYR A 156 -16.09 2.10 2.75
C TYR A 156 -16.78 3.01 1.76
N LYS A 157 -16.70 4.30 2.01
CA LYS A 157 -17.31 5.29 1.15
C LYS A 157 -16.30 5.75 0.10
N LEU A 158 -16.66 5.63 -1.18
CA LEU A 158 -15.88 6.20 -2.27
C LEU A 158 -16.01 7.72 -2.21
N LEU A 159 -14.88 8.41 -2.09
CA LEU A 159 -14.87 9.85 -1.95
C LEU A 159 -15.02 10.53 -3.32
N PRO A 160 -15.84 11.58 -3.39
CA PRO A 160 -16.12 12.19 -4.69
C PRO A 160 -14.98 13.04 -5.26
N GLU A 161 -13.94 13.28 -4.45
CA GLU A 161 -12.77 14.06 -4.85
C GLU A 161 -11.76 13.90 -3.70
N TYR A 162 -10.48 14.08 -4.00
CA TYR A 162 -9.46 14.05 -2.98
C TYR A 162 -8.26 14.85 -3.48
N PRO A 163 -7.73 15.75 -2.63
CA PRO A 163 -6.63 16.60 -3.13
C PRO A 163 -5.41 15.77 -3.53
N GLY A 164 -4.82 16.09 -4.67
CA GLY A 164 -3.62 15.37 -5.13
C GLY A 164 -3.93 14.10 -5.89
N VAL A 165 -5.21 13.84 -6.17
CA VAL A 165 -5.62 12.64 -6.88
C VAL A 165 -6.46 13.02 -8.09
N LEU A 166 -5.98 12.69 -9.28
CA LEU A 166 -6.69 12.99 -10.52
C LEU A 166 -7.97 12.18 -10.64
N SER A 167 -9.05 12.82 -11.12
CA SER A 167 -10.36 12.15 -11.24
C SER A 167 -10.71 11.58 -12.61
N ASP A 168 -9.94 11.95 -13.63
CA ASP A 168 -10.23 11.49 -14.98
C ASP A 168 -9.46 10.20 -15.29
N VAL A 169 -9.81 9.60 -16.40
CA VAL A 169 -9.23 8.34 -16.84
C VAL A 169 -7.80 8.56 -17.35
N GLN A 170 -6.88 7.76 -16.84
CA GLN A 170 -5.48 7.74 -17.25
C GLN A 170 -5.28 6.61 -18.25
N GLU A 171 -4.21 6.70 -19.01
CA GLU A 171 -3.86 5.61 -19.93
C GLU A 171 -2.36 5.53 -20.15
N GLU A 172 -1.83 4.33 -19.96
CA GLU A 172 -0.44 4.03 -20.33
C GLU A 172 -0.39 2.66 -21.01
N LYS A 173 0.38 2.57 -22.09
CA LYS A 173 0.52 1.34 -22.86
C LYS A 173 -0.79 0.76 -23.29
N GLY A 174 -1.70 1.63 -23.70
CA GLY A 174 -3.01 1.18 -24.15
C GLY A 174 -3.88 0.59 -23.06
N ILE A 175 -3.46 0.76 -21.79
CA ILE A 175 -4.27 0.33 -20.64
C ILE A 175 -4.87 1.54 -19.91
N LYS A 176 -6.20 1.61 -19.87
CA LYS A 176 -6.89 2.66 -19.12
C LYS A 176 -6.99 2.31 -17.63
N TYR A 177 -6.89 3.33 -16.80
CA TYR A 177 -7.08 3.19 -15.38
C TYR A 177 -7.55 4.50 -14.74
N LYS A 178 -8.04 4.39 -13.53
CA LYS A 178 -8.53 5.57 -12.77
C LYS A 178 -8.23 5.45 -11.27
N PHE A 179 -8.01 6.60 -10.64
CA PHE A 179 -7.69 6.62 -9.22
C PHE A 179 -8.95 6.80 -8.36
N GLU A 180 -8.99 6.10 -7.23
CA GLU A 180 -10.08 6.18 -6.29
C GLU A 180 -9.55 6.28 -4.87
N VAL A 181 -10.32 6.92 -3.99
CA VAL A 181 -10.03 6.93 -2.55
C VAL A 181 -11.30 6.55 -1.79
N TYR A 182 -11.17 5.55 -0.93
CA TYR A 182 -12.24 5.07 -0.07
C TYR A 182 -11.89 5.38 1.38
N GLU A 183 -12.91 5.66 2.18
CA GLU A 183 -12.71 5.90 3.59
C GLU A 183 -13.76 5.16 4.43
N LYS A 184 -13.30 4.46 5.47
CA LYS A 184 -14.18 3.98 6.53
C LYS A 184 -13.78 4.54 7.92
N ASN A 185 -14.73 4.50 8.84
CA ASN A 185 -14.46 4.86 10.25
C ASN A 185 -15.46 4.12 11.12
N ASP A 186 -15.01 3.06 11.78
CA ASP A 186 -15.91 2.18 12.52
C ASP A 186 -15.16 1.60 13.71
N1 9QR B . -0.19 0.54 -5.04
C2 9QR B . -0.22 1.10 -6.28
N3 9QR B . 0.69 0.77 -7.23
C4 9QR B . 1.66 -0.15 -6.98
C5 9QR B . 1.68 -0.74 -5.70
C6 9QR B . 0.73 -0.37 -4.73
N7 9QR B . 0.78 -0.95 -3.52
C12 9QR B . 3.85 -1.18 -4.81
C21 9QR B . 7.79 -1.28 -7.77
C22 9QR B . 8.28 -2.06 -11.38
C31 9QR B . 6.58 0.46 -12.54
N8 9QR B . -1.16 2.01 -6.54
C9 9QR B . 2.55 -0.50 -8.02
C10 9QR B . 3.65 0.54 -8.15
O11 9QR B . 2.60 -1.68 -5.37
C13 9QR B . 4.66 -2.43 -4.43
C14 9QR B . 5.22 -2.91 -5.77
O15 9QR B . 6.14 -1.90 -6.17
C16 9QR B . 6.63 -1.97 -7.47
C20 9QR B . 8.31 -1.31 -9.07
C17 9QR B . 6.01 -2.73 -8.50
C18 9QR B . 6.54 -2.74 -9.80
C19 9QR B . 7.70 -2.04 -10.08
C23 9QR B . 8.40 -0.92 -12.20
C30 9QR B . 7.96 0.39 -11.88
C27 9QR B . 8.80 -3.26 -11.91
N28 9QR B . 8.70 -4.37 -11.20
N26 9QR B . 9.36 -3.33 -13.14
C25 9QR B . 9.46 -2.22 -13.87
N24 9QR B . 8.99 -1.06 -13.41
N29 9QR B . 10.02 -2.27 -15.09
PA NDP C . 2.70 -10.89 0.69
O1A NDP C . 1.57 -10.61 1.56
O2A NDP C . 3.56 -9.77 0.23
O5B NDP C . 3.73 -11.89 1.39
C5B NDP C . 3.27 -13.09 2.03
C4B NDP C . 4.26 -13.40 3.16
O4B NDP C . 4.46 -12.25 4.05
C3B NDP C . 3.73 -14.50 4.04
O3B NDP C . 4.11 -15.78 3.48
C2B NDP C . 4.40 -14.22 5.36
O2B NDP C . 5.80 -14.56 5.35
C1B NDP C . 4.35 -12.72 5.42
N9A NDP C . 3.10 -12.14 5.94
C8A NDP C . 2.00 -11.67 5.32
N7A NDP C . 1.19 -11.17 6.22
C5A NDP C . 1.78 -11.30 7.41
C6A NDP C . 1.38 -10.95 8.65
N6A NDP C . 0.18 -10.36 8.75
N1A NDP C . 2.16 -11.18 9.71
C2A NDP C . 3.42 -11.78 9.53
N3A NDP C . 3.83 -12.16 8.26
C4A NDP C . 2.97 -11.90 7.23
O3 NDP C . 2.29 -11.90 -0.52
PN NDP C . 1.17 -11.82 -1.69
O1N NDP C . -0.18 -11.55 -1.14
O2N NDP C . 1.39 -13.06 -2.42
O5D NDP C . 1.60 -10.54 -2.58
C5D NDP C . 2.72 -10.39 -3.46
C4D NDP C . 2.09 -10.39 -4.86
O4D NDP C . 1.23 -9.24 -5.10
C3D NDP C . 3.20 -10.28 -5.89
O3D NDP C . 2.80 -10.91 -7.12
C2D NDP C . 3.35 -8.77 -6.07
O2D NDP C . 3.91 -8.43 -7.33
C1D NDP C . 1.90 -8.33 -6.03
N1N NDP C . 1.64 -7.00 -5.44
C2N NDP C . 0.83 -6.11 -6.11
C3N NDP C . 0.44 -4.89 -5.58
C7N NDP C . -0.46 -4.03 -6.29
O7N NDP C . -0.78 -2.94 -5.82
N7N NDP C . -0.86 -4.41 -7.51
C4N NDP C . 0.88 -4.51 -4.29
C5N NDP C . 1.73 -5.41 -3.62
C6N NDP C . 2.09 -6.66 -4.14
P2B NDP C . 6.38 -15.80 6.19
O1X NDP C . 5.73 -15.67 7.51
O2X NDP C . 5.89 -16.97 5.41
O3X NDP C . 7.82 -15.56 6.16
#